data_3Q7Q
#
_entry.id   3Q7Q
#
_cell.length_a   38.370
_cell.length_b   38.370
_cell.length_c   154.111
_cell.angle_alpha   90.00
_cell.angle_beta   90.00
_cell.angle_gamma   120.00
#
_symmetry.space_group_name_H-M   'P 31'
#
loop_
_entity.id
_entity.type
_entity.pdbx_description
1 polymer 'GTP-binding protein RAD'
2 non-polymer 'PHOSPHOAMINOPHOSPHONIC ACID-GUANYLATE ESTER'
3 non-polymer 'MAGNESIUM ION'
4 non-polymer 'CALCIUM ION'
5 water water
#
_entity_poly.entity_id   1
_entity_poly.type   'polypeptide(L)'
_entity_poly.pdbx_seq_one_letter_code
;SVYKVLLLGAPGVGKSALARIFGGVEDGPEAEAAGHTYDRSIVVDGEEASLMVYDIWEQDGGRWLPGHCMAMGDAYVIVY
SVTDKGSFEKASELRVQLRRARQTDDVPIILVGNKSDLVRSREVSVDEGRACAVVFDCKFIETSAALHHNVQALFEGVVR
QIRLRR
;
_entity_poly.pdbx_strand_id   A,B
#
# COMPACT_ATOMS: atom_id res chain seq x y z
N SER A 1 -22.59 -17.54 -2.18
CA SER A 1 -21.39 -16.77 -1.84
C SER A 1 -21.51 -15.31 -2.25
N VAL A 2 -21.38 -14.42 -1.26
CA VAL A 2 -21.39 -12.99 -1.50
C VAL A 2 -20.09 -12.37 -1.02
N TYR A 3 -19.77 -11.20 -1.54
CA TYR A 3 -18.58 -10.46 -1.10
C TYR A 3 -18.96 -9.40 -0.07
N LYS A 4 -18.56 -9.61 1.18
CA LYS A 4 -18.81 -8.66 2.24
C LYS A 4 -17.84 -7.47 2.19
N VAL A 5 -18.37 -6.28 1.97
CA VAL A 5 -17.58 -5.06 1.94
C VAL A 5 -17.97 -4.10 3.07
N LEU A 6 -17.00 -3.75 3.91
CA LEU A 6 -17.25 -2.85 5.02
C LEU A 6 -16.89 -1.40 4.68
N LEU A 7 -17.79 -0.49 5.03
CA LEU A 7 -17.54 0.94 4.86
C LEU A 7 -17.06 1.57 6.16
N LEU A 8 -15.83 2.07 6.14
CA LEU A 8 -15.24 2.73 7.29
C LEU A 8 -14.98 4.20 6.96
N GLY A 9 -14.57 4.97 7.96
CA GLY A 9 -14.25 6.38 7.77
C GLY A 9 -14.91 7.26 8.81
N ALA A 10 -14.49 8.53 8.87
CA ALA A 10 -15.03 9.49 9.82
C ALA A 10 -16.49 9.82 9.55
N PRO A 11 -17.14 10.50 10.51
CA PRO A 11 -18.56 10.86 10.34
C PRO A 11 -18.78 11.95 9.29
N GLY A 12 -19.84 11.82 8.51
CA GLY A 12 -20.24 12.84 7.56
C GLY A 12 -19.48 12.84 6.25
N VAL A 13 -18.64 11.84 6.05
CA VAL A 13 -17.82 11.75 4.85
C VAL A 13 -18.64 11.34 3.63
N GLY A 14 -19.77 10.66 3.87
CA GLY A 14 -20.65 10.22 2.81
C GLY A 14 -20.68 8.71 2.62
N LYS A 15 -20.55 7.98 3.73
CA LYS A 15 -20.53 6.52 3.69
C LYS A 15 -21.90 5.96 3.35
N SER A 16 -22.92 6.46 4.03
CA SER A 16 -24.28 6.03 3.76
C SER A 16 -24.71 6.40 2.34
N ALA A 17 -24.26 7.56 1.89
CA ALA A 17 -24.63 8.07 0.57
C ALA A 17 -24.13 7.15 -0.54
N LEU A 18 -22.87 6.73 -0.43
CA LEU A 18 -22.25 5.88 -1.44
C LEU A 18 -22.90 4.50 -1.49
N ALA A 19 -23.21 3.96 -0.30
CA ALA A 19 -23.85 2.64 -0.20
C ALA A 19 -25.27 2.70 -0.76
N ARG A 20 -25.98 3.78 -0.45
CA ARG A 20 -27.35 3.93 -0.91
C ARG A 20 -27.40 3.97 -2.43
N ILE A 21 -26.53 4.77 -3.02
CA ILE A 21 -26.45 4.90 -4.48
C ILE A 21 -26.09 3.59 -5.17
N PHE A 22 -25.20 2.83 -4.54
CA PHE A 22 -24.77 1.56 -5.11
C PHE A 22 -25.93 0.57 -5.29
N GLY A 23 -27.05 0.78 -4.60
CA GLY A 23 -28.16 -0.15 -4.73
C GLY A 23 -29.54 0.49 -4.77
N GLY A 24 -30.20 0.40 -5.92
CA GLY A 24 -29.64 -0.24 -7.11
C GLY A 24 -30.60 -1.19 -7.80
N VAL A 25 -31.64 -0.63 -8.43
CA VAL A 25 -32.71 -1.39 -9.07
C VAL A 25 -32.40 -2.88 -9.30
N GLU A 26 -32.77 -3.70 -8.32
CA GLU A 26 -32.57 -5.15 -8.40
C GLU A 26 -33.30 -5.87 -7.27
N ASP A 27 -32.59 -6.77 -6.59
CA ASP A 27 -33.16 -7.55 -5.50
C ASP A 27 -32.06 -8.28 -4.72
N GLY A 28 -30.97 -7.57 -4.45
CA GLY A 28 -29.84 -8.16 -3.75
C GLY A 28 -28.71 -8.53 -4.69
N HIS A 36 -27.69 -1.94 8.68
CA HIS A 36 -28.22 -2.05 7.33
C HIS A 36 -27.16 -2.51 6.34
N THR A 37 -27.51 -3.47 5.50
CA THR A 37 -26.61 -3.98 4.48
C THR A 37 -27.25 -3.89 3.10
N TYR A 38 -26.44 -3.53 2.10
CA TYR A 38 -26.91 -3.41 0.73
C TYR A 38 -26.33 -4.54 -0.11
N ASP A 39 -27.20 -5.26 -0.81
CA ASP A 39 -26.76 -6.33 -1.70
C ASP A 39 -27.10 -6.00 -3.15
N ARG A 40 -26.11 -6.16 -4.02
CA ARG A 40 -26.31 -5.94 -5.46
C ARG A 40 -25.37 -6.79 -6.28
N SER A 41 -25.91 -7.52 -7.25
CA SER A 41 -25.10 -8.29 -8.17
C SER A 41 -24.70 -7.44 -9.37
N ILE A 42 -23.42 -7.49 -9.72
CA ILE A 42 -22.87 -6.69 -10.80
C ILE A 42 -21.92 -7.53 -11.65
N VAL A 43 -21.87 -7.23 -12.95
CA VAL A 43 -20.95 -7.91 -13.85
C VAL A 43 -19.62 -7.15 -13.93
N VAL A 44 -18.57 -7.76 -13.41
CA VAL A 44 -17.24 -7.15 -13.42
C VAL A 44 -16.30 -7.95 -14.30
N ASP A 45 -16.01 -7.41 -15.49
CA ASP A 45 -15.13 -8.09 -16.45
C ASP A 45 -15.75 -9.39 -16.96
N GLY A 46 -17.04 -9.34 -17.26
CA GLY A 46 -17.77 -10.48 -17.79
C GLY A 46 -18.17 -11.50 -16.74
N GLU A 47 -17.64 -11.33 -15.53
CA GLU A 47 -17.91 -12.27 -14.45
C GLU A 47 -18.79 -11.67 -13.36
N GLU A 48 -19.92 -12.34 -13.10
CA GLU A 48 -20.86 -11.93 -12.08
C GLU A 48 -20.23 -11.98 -10.70
N ALA A 49 -20.69 -11.10 -9.83
CA ALA A 49 -20.24 -11.06 -8.44
C ALA A 49 -21.24 -10.33 -7.57
N SER A 50 -21.78 -11.01 -6.57
CA SER A 50 -22.70 -10.39 -5.63
C SER A 50 -21.94 -9.63 -4.54
N LEU A 51 -22.36 -8.39 -4.29
CA LEU A 51 -21.75 -7.58 -3.24
C LEU A 51 -22.71 -7.36 -2.09
N MET A 52 -22.21 -7.46 -0.86
CA MET A 52 -22.99 -7.10 0.32
C MET A 52 -22.37 -5.92 1.07
N VAL A 53 -22.69 -4.72 0.60
CA VAL A 53 -22.19 -3.48 1.19
C VAL A 53 -22.69 -3.28 2.63
N TYR A 54 -21.75 -3.21 3.56
CA TYR A 54 -22.08 -3.05 4.98
C TYR A 54 -21.77 -1.67 5.51
N ASP A 55 -22.80 -0.93 5.89
CA ASP A 55 -22.63 0.38 6.50
C ASP A 55 -22.57 0.22 8.03
N ILE A 56 -21.42 -0.22 8.53
CA ILE A 56 -21.29 -0.63 9.93
C ILE A 56 -21.75 0.41 10.96
N TRP A 57 -21.47 1.68 10.69
CA TRP A 57 -21.76 2.74 11.64
C TRP A 57 -23.24 3.09 11.71
N GLU A 58 -24.02 2.56 10.77
CA GLU A 58 -25.47 2.72 10.80
C GLU A 58 -26.14 1.58 11.55
N MET A 72 -17.96 -12.14 6.82
CA MET A 72 -17.13 -11.30 7.68
C MET A 72 -16.75 -10.01 6.97
N GLY A 73 -15.53 -9.96 6.47
CA GLY A 73 -15.07 -8.81 5.71
C GLY A 73 -14.18 -9.22 4.55
N ASP A 74 -14.71 -9.18 3.34
CA ASP A 74 -13.91 -9.55 2.18
C ASP A 74 -13.08 -8.36 1.70
N ALA A 75 -13.54 -7.16 2.02
CA ALA A 75 -12.80 -5.95 1.68
C ALA A 75 -13.25 -4.77 2.54
N TYR A 76 -12.37 -3.81 2.75
CA TYR A 76 -12.69 -2.63 3.54
C TYR A 76 -12.57 -1.37 2.70
N VAL A 77 -13.56 -0.49 2.83
CA VAL A 77 -13.53 0.78 2.11
C VAL A 77 -13.48 1.95 3.08
N ILE A 78 -12.36 2.65 3.07
CA ILE A 78 -12.16 3.78 3.96
C ILE A 78 -12.50 5.08 3.24
N VAL A 79 -13.61 5.70 3.64
CA VAL A 79 -14.07 6.91 2.98
C VAL A 79 -13.67 8.16 3.77
N TYR A 80 -13.23 9.18 3.03
CA TYR A 80 -12.95 10.48 3.63
C TYR A 80 -13.42 11.59 2.70
N SER A 81 -13.65 12.77 3.26
CA SER A 81 -14.07 13.92 2.46
C SER A 81 -12.86 14.75 2.05
N VAL A 82 -12.80 15.10 0.77
CA VAL A 82 -11.67 15.88 0.25
C VAL A 82 -11.73 17.32 0.74
N THR A 83 -12.80 17.65 1.46
CA THR A 83 -13.00 18.99 1.99
C THR A 83 -12.83 18.97 3.49
N ASP A 84 -12.24 17.89 3.99
CA ASP A 84 -12.03 17.71 5.41
C ASP A 84 -10.74 16.93 5.62
N LYS A 85 -9.65 17.63 5.90
CA LYS A 85 -8.36 16.97 6.03
C LYS A 85 -8.32 16.05 7.25
N GLY A 86 -9.12 16.36 8.27
CA GLY A 86 -9.18 15.56 9.47
C GLY A 86 -9.63 14.13 9.22
N SER A 87 -10.53 13.95 8.25
CA SER A 87 -11.03 12.62 7.90
C SER A 87 -9.97 11.88 7.11
N PHE A 88 -9.14 12.64 6.39
CA PHE A 88 -8.05 12.08 5.61
C PHE A 88 -6.99 11.44 6.49
N GLU A 89 -6.59 12.14 7.55
CA GLU A 89 -5.61 11.62 8.48
C GLU A 89 -6.22 10.46 9.26
N LYS A 90 -7.49 10.59 9.63
CA LYS A 90 -8.20 9.51 10.32
C LYS A 90 -8.20 8.24 9.47
N ALA A 91 -8.23 8.42 8.15
CA ALA A 91 -8.20 7.27 7.24
C ALA A 91 -6.85 6.55 7.31
N SER A 92 -5.77 7.32 7.29
CA SER A 92 -4.42 6.75 7.37
C SER A 92 -4.28 5.92 8.64
N GLU A 93 -4.79 6.43 9.75
CA GLU A 93 -4.70 5.75 11.03
C GLU A 93 -5.52 4.46 11.04
N LEU A 94 -6.65 4.48 10.35
CA LEU A 94 -7.48 3.29 10.22
C LEU A 94 -6.78 2.26 9.35
N ARG A 95 -6.14 2.73 8.28
CA ARG A 95 -5.40 1.85 7.38
C ARG A 95 -4.28 1.16 8.15
N VAL A 96 -3.53 1.95 8.93
CA VAL A 96 -2.47 1.41 9.77
C VAL A 96 -3.04 0.41 10.78
N GLN A 97 -4.16 0.77 11.40
CA GLN A 97 -4.82 -0.09 12.37
C GLN A 97 -5.25 -1.44 11.77
N LEU A 98 -5.88 -1.39 10.60
CA LEU A 98 -6.32 -2.60 9.90
C LEU A 98 -5.15 -3.53 9.60
N ARG A 99 -4.06 -2.94 9.12
CA ARG A 99 -2.83 -3.67 8.82
C ARG A 99 -2.36 -4.43 10.07
N ARG A 100 -2.26 -3.70 11.18
CA ARG A 100 -1.83 -4.28 12.44
C ARG A 100 -2.99 -4.93 13.18
N ALA A 101 -3.53 -6.00 12.60
CA ALA A 101 -4.64 -6.76 13.19
C ALA A 101 -5.14 -7.80 12.21
N ARG A 102 -4.81 -7.62 10.93
CA ARG A 102 -5.24 -8.55 9.89
C ARG A 102 -4.06 -9.00 9.02
N GLN A 103 -3.49 -10.16 9.36
CA GLN A 103 -2.37 -10.71 8.62
C GLN A 103 -2.26 -12.22 8.87
N THR A 104 -2.02 -12.99 7.82
CA THR A 104 -1.95 -12.45 6.47
C THR A 104 -3.34 -12.05 6.02
N ASP A 105 -4.02 -12.95 5.32
CA ASP A 105 -5.36 -12.68 4.84
C ASP A 105 -5.55 -11.19 4.66
N ASP A 106 -4.55 -10.53 4.08
CA ASP A 106 -4.61 -9.09 3.87
C ASP A 106 -5.68 -8.82 2.84
N VAL A 107 -6.91 -8.66 3.30
CA VAL A 107 -7.98 -8.33 2.39
C VAL A 107 -7.64 -6.97 1.79
N PRO A 108 -8.03 -6.75 0.53
CA PRO A 108 -7.83 -5.50 -0.21
C PRO A 108 -8.45 -4.31 0.51
N ILE A 109 -7.74 -3.19 0.54
CA ILE A 109 -8.26 -1.98 1.16
C ILE A 109 -8.27 -0.82 0.16
N ILE A 110 -9.41 -0.17 0.03
CA ILE A 110 -9.56 0.95 -0.91
C ILE A 110 -9.76 2.28 -0.18
N LEU A 111 -8.90 3.24 -0.48
CA LEU A 111 -9.02 4.58 0.03
C LEU A 111 -9.88 5.41 -0.90
N VAL A 112 -10.96 5.98 -0.36
CA VAL A 112 -11.91 6.75 -1.17
C VAL A 112 -12.03 8.18 -0.68
N GLY A 113 -11.73 9.12 -1.56
CA GLY A 113 -11.89 10.54 -1.26
C GLY A 113 -13.19 11.05 -1.84
N ASN A 114 -14.22 11.08 -1.01
CA ASN A 114 -15.56 11.45 -1.45
C ASN A 114 -15.79 12.98 -1.47
N LYS A 115 -16.88 13.38 -2.09
CA LYS A 115 -17.24 14.80 -2.21
C LYS A 115 -16.31 15.56 -3.14
N SER A 116 -16.04 14.99 -4.30
CA SER A 116 -15.16 15.62 -5.28
C SER A 116 -15.86 16.76 -6.02
N ASP A 117 -17.18 16.88 -5.81
CA ASP A 117 -17.95 17.94 -6.45
C ASP A 117 -17.67 19.30 -5.80
N LEU A 118 -17.34 19.29 -4.52
CA LEU A 118 -17.09 20.52 -3.77
C LEU A 118 -15.68 21.06 -4.03
N VAL A 119 -15.45 21.55 -5.24
CA VAL A 119 -14.10 21.93 -5.66
C VAL A 119 -13.59 23.22 -5.03
N ARG A 120 -14.36 23.81 -4.13
CA ARG A 120 -13.95 25.06 -3.49
C ARG A 120 -13.47 24.84 -2.06
N SER A 121 -14.15 23.95 -1.35
CA SER A 121 -13.81 23.63 0.03
C SER A 121 -12.84 22.45 0.14
N ARG A 122 -12.30 22.03 -1.00
CA ARG A 122 -11.34 20.93 -1.03
C ARG A 122 -10.10 21.26 -0.23
N GLU A 123 -9.72 20.36 0.68
CA GLU A 123 -8.54 20.54 1.50
C GLU A 123 -7.47 19.51 1.15
N VAL A 124 -7.89 18.45 0.47
CA VAL A 124 -6.98 17.39 0.07
C VAL A 124 -6.91 17.26 -1.45
N SER A 125 -5.70 17.27 -2.00
CA SER A 125 -5.53 17.16 -3.44
C SER A 125 -5.66 15.72 -3.90
N VAL A 126 -5.84 15.54 -5.21
CA VAL A 126 -5.95 14.20 -5.78
C VAL A 126 -4.64 13.44 -5.62
N ASP A 127 -3.53 14.17 -5.76
CA ASP A 127 -2.20 13.56 -5.65
C ASP A 127 -1.89 13.16 -4.22
N GLU A 128 -2.28 14.00 -3.27
CA GLU A 128 -2.02 13.73 -1.86
C GLU A 128 -2.68 12.44 -1.41
N GLY A 129 -3.91 12.21 -1.89
CA GLY A 129 -4.65 11.01 -1.56
C GLY A 129 -4.06 9.80 -2.24
N ARG A 130 -3.64 9.98 -3.49
CA ARG A 130 -3.08 8.89 -4.28
C ARG A 130 -1.70 8.51 -3.76
N ALA A 131 -0.99 9.50 -3.22
CA ALA A 131 0.30 9.27 -2.58
C ALA A 131 0.15 8.39 -1.35
N CYS A 132 -0.62 8.87 -0.37
CA CYS A 132 -0.84 8.12 0.87
C CYS A 132 -1.42 6.74 0.61
N ALA A 133 -2.19 6.61 -0.48
CA ALA A 133 -2.76 5.33 -0.86
C ALA A 133 -1.65 4.34 -1.20
N VAL A 134 -0.78 4.72 -2.12
CA VAL A 134 0.27 3.83 -2.60
C VAL A 134 1.28 3.46 -1.50
N VAL A 135 1.66 4.42 -0.67
CA VAL A 135 2.64 4.15 0.37
C VAL A 135 2.03 3.29 1.49
N PHE A 136 0.73 3.44 1.71
CA PHE A 136 0.05 2.67 2.75
C PHE A 136 -0.69 1.47 2.16
N ASP A 137 -0.20 1.00 1.01
CA ASP A 137 -0.77 -0.17 0.37
C ASP A 137 -2.30 -0.09 0.27
N CYS A 138 -2.79 0.91 -0.48
CA CYS A 138 -4.21 1.11 -0.70
C CYS A 138 -4.55 1.36 -2.18
N LYS A 139 -5.78 1.03 -2.53
CA LYS A 139 -6.34 1.32 -3.85
C LYS A 139 -6.96 2.72 -3.77
N PHE A 140 -6.56 3.66 -4.62
CA PHE A 140 -7.12 5.03 -4.54
C PHE A 140 -8.15 5.35 -5.63
N ILE A 141 -9.16 6.13 -5.24
CA ILE A 141 -10.14 6.64 -6.18
C ILE A 141 -10.94 7.76 -5.52
N GLU A 142 -11.20 8.82 -6.27
CA GLU A 142 -12.07 9.89 -5.79
C GLU A 142 -13.48 9.73 -6.35
N THR A 143 -14.47 9.82 -5.47
CA THR A 143 -15.86 9.67 -5.88
C THR A 143 -16.68 10.91 -5.57
N SER A 144 -17.88 10.96 -6.14
CA SER A 144 -18.83 12.01 -5.80
C SER A 144 -20.21 11.39 -5.69
N ALA A 145 -20.62 11.10 -4.46
CA ALA A 145 -21.94 10.55 -4.21
C ALA A 145 -22.99 11.52 -4.72
N ALA A 146 -22.76 12.81 -4.49
CA ALA A 146 -23.70 13.85 -4.90
C ALA A 146 -23.91 13.79 -6.41
N LEU A 147 -22.86 13.44 -7.15
CA LEU A 147 -22.92 13.41 -8.60
C LEU A 147 -22.90 12.00 -9.18
N HIS A 148 -22.97 10.99 -8.31
CA HIS A 148 -22.94 9.61 -8.76
C HIS A 148 -21.71 9.35 -9.64
N HIS A 149 -20.62 10.03 -9.32
CA HIS A 149 -19.38 9.89 -10.09
C HIS A 149 -18.40 8.93 -9.44
N ASN A 150 -17.90 7.99 -10.23
CA ASN A 150 -16.94 6.99 -9.75
C ASN A 150 -17.48 6.09 -8.65
N VAL A 151 -18.79 6.15 -8.40
CA VAL A 151 -19.40 5.30 -7.40
C VAL A 151 -19.41 3.84 -7.86
N GLN A 152 -19.87 3.65 -9.09
CA GLN A 152 -19.83 2.36 -9.75
C GLN A 152 -18.40 1.85 -9.76
N ALA A 153 -17.53 2.64 -10.39
CA ALA A 153 -16.12 2.29 -10.54
C ALA A 153 -15.50 1.82 -9.24
N LEU A 154 -15.90 2.45 -8.14
CA LEU A 154 -15.37 2.11 -6.82
C LEU A 154 -15.66 0.66 -6.47
N PHE A 155 -16.92 0.26 -6.65
CA PHE A 155 -17.35 -1.08 -6.27
C PHE A 155 -16.93 -2.12 -7.31
N GLU A 156 -16.64 -1.65 -8.52
CA GLU A 156 -16.10 -2.53 -9.55
C GLU A 156 -14.64 -2.80 -9.27
N GLY A 157 -13.95 -1.83 -8.70
CA GLY A 157 -12.58 -1.99 -8.30
C GLY A 157 -12.47 -2.91 -7.10
N VAL A 158 -13.42 -2.78 -6.17
CA VAL A 158 -13.45 -3.61 -4.99
C VAL A 158 -13.54 -5.08 -5.39
N VAL A 159 -14.50 -5.41 -6.25
CA VAL A 159 -14.66 -6.77 -6.75
C VAL A 159 -13.41 -7.21 -7.49
N ARG A 160 -12.86 -6.29 -8.29
CA ARG A 160 -11.67 -6.57 -9.08
C ARG A 160 -10.43 -6.72 -8.21
N GLN A 161 -10.47 -6.12 -7.02
CA GLN A 161 -9.34 -6.17 -6.11
C GLN A 161 -9.41 -7.41 -5.23
N ILE A 162 -10.62 -7.78 -4.86
CA ILE A 162 -10.88 -8.98 -4.06
C ILE A 162 -10.38 -10.22 -4.78
N ARG A 163 -10.67 -10.32 -6.08
CA ARG A 163 -10.24 -11.45 -6.90
CA ARG A 163 -10.25 -11.44 -6.91
C ARG A 163 -8.73 -11.53 -6.95
N LEU A 164 -8.09 -10.43 -7.32
CA LEU A 164 -6.64 -10.37 -7.48
C LEU A 164 -5.88 -11.09 -6.36
N ARG A 165 -6.54 -11.32 -5.24
CA ARG A 165 -5.90 -12.02 -4.13
C ARG A 165 -6.71 -13.25 -3.68
N ARG A 166 -6.59 -14.33 -4.47
CA ARG A 166 -7.24 -15.61 -4.16
C ARG A 166 -6.60 -16.24 -2.92
N SER B 1 24.23 13.64 5.12
CA SER B 1 23.49 14.29 4.06
C SER B 1 22.03 14.48 4.46
N VAL B 2 21.51 13.52 5.23
CA VAL B 2 20.14 13.54 5.72
C VAL B 2 19.13 13.08 4.67
N TYR B 3 19.36 11.88 4.13
CA TYR B 3 18.43 11.27 3.19
C TYR B 3 17.32 10.50 3.90
N LYS B 4 16.09 10.67 3.43
CA LYS B 4 14.95 9.95 3.98
C LYS B 4 14.69 8.67 3.20
N VAL B 5 14.57 7.56 3.91
CA VAL B 5 14.32 6.26 3.26
C VAL B 5 13.11 5.54 3.85
N LEU B 6 12.11 5.28 3.03
CA LEU B 6 10.91 4.57 3.48
C LEU B 6 10.98 3.06 3.22
N LEU B 7 10.63 2.28 4.23
CA LEU B 7 10.54 0.82 4.09
C LEU B 7 9.12 0.37 3.80
N LEU B 8 8.89 -0.18 2.62
CA LEU B 8 7.58 -0.72 2.27
C LEU B 8 7.67 -2.23 2.06
N GLY B 9 6.52 -2.86 1.86
CA GLY B 9 6.46 -4.30 1.64
C GLY B 9 5.39 -4.96 2.48
N ALA B 10 5.10 -6.22 2.18
CA ALA B 10 4.08 -6.99 2.90
C ALA B 10 4.49 -7.24 4.34
N PRO B 11 3.54 -7.71 5.18
CA PRO B 11 3.84 -7.99 6.58
C PRO B 11 4.73 -9.23 6.77
N GLY B 12 5.65 -9.14 7.72
CA GLY B 12 6.47 -10.28 8.11
C GLY B 12 7.67 -10.54 7.21
N VAL B 13 7.90 -9.63 6.26
CA VAL B 13 8.99 -9.80 5.31
C VAL B 13 10.35 -9.53 5.95
N GLY B 14 10.35 -8.76 7.03
CA GLY B 14 11.58 -8.43 7.73
C GLY B 14 11.99 -6.97 7.60
N LYS B 15 11.00 -6.08 7.54
CA LYS B 15 11.26 -4.65 7.39
C LYS B 15 11.84 -4.04 8.66
N SER B 16 11.24 -4.36 9.79
CA SER B 16 11.73 -3.89 11.07
C SER B 16 13.11 -4.46 11.39
N ALA B 17 13.33 -5.70 10.97
CA ALA B 17 14.59 -6.39 11.24
C ALA B 17 15.76 -5.69 10.54
N LEU B 18 15.56 -5.34 9.28
CA LEU B 18 16.60 -4.71 8.47
C LEU B 18 16.92 -3.31 8.98
N ALA B 19 15.88 -2.58 9.39
CA ALA B 19 16.05 -1.24 9.91
C ALA B 19 16.77 -1.26 11.26
N ARG B 20 16.39 -2.22 12.09
CA ARG B 20 16.99 -2.37 13.40
C ARG B 20 18.49 -2.62 13.27
N ILE B 21 18.85 -3.57 12.41
CA ILE B 21 20.25 -3.94 12.18
C ILE B 21 21.07 -2.77 11.64
N PHE B 22 20.46 -1.98 10.75
CA PHE B 22 21.14 -0.84 10.15
C PHE B 22 21.50 0.22 11.17
N GLY B 23 20.67 0.32 12.20
CA GLY B 23 20.81 1.36 13.20
C GLY B 23 21.36 0.87 14.52
N GLY B 24 21.36 -0.45 14.73
CA GLY B 24 21.93 -1.02 15.93
C GLY B 24 20.93 -1.69 16.86
N VAL B 25 20.30 -0.88 17.71
CA VAL B 25 19.36 -1.37 18.72
C VAL B 25 18.60 -2.62 18.26
N GLY B 35 7.06 7.60 11.18
CA GLY B 35 7.00 6.75 12.35
C GLY B 35 8.37 6.43 12.90
N HIS B 36 8.52 5.24 13.47
CA HIS B 36 9.78 4.81 14.06
C HIS B 36 10.89 4.97 13.01
N THR B 37 11.86 5.81 13.31
CA THR B 37 12.95 6.08 12.39
C THR B 37 14.29 5.60 12.95
N TYR B 38 15.22 5.29 12.05
CA TYR B 38 16.55 4.84 12.44
C TYR B 38 17.62 5.70 11.77
N ASP B 39 18.20 6.62 12.54
CA ASP B 39 19.20 7.53 12.00
C ASP B 39 20.58 6.90 12.10
N ARG B 40 21.41 7.17 11.10
CA ARG B 40 22.77 6.68 11.08
C ARG B 40 23.55 7.25 9.90
N SER B 41 24.83 7.51 10.11
CA SER B 41 25.69 8.06 9.08
C SER B 41 26.72 7.03 8.64
N ILE B 42 26.85 6.85 7.34
CA ILE B 42 27.77 5.84 6.82
C ILE B 42 28.66 6.40 5.71
N VAL B 43 29.75 5.69 5.43
CA VAL B 43 30.69 6.09 4.40
C VAL B 43 30.48 5.27 3.14
N VAL B 44 29.98 5.91 2.10
CA VAL B 44 29.77 5.25 0.83
C VAL B 44 30.70 5.87 -0.20
N ASP B 45 31.50 5.03 -0.84
CA ASP B 45 32.41 5.50 -1.87
C ASP B 45 33.25 6.66 -1.35
N GLY B 46 33.80 6.49 -0.16
CA GLY B 46 34.64 7.50 0.45
C GLY B 46 33.93 8.80 0.77
N GLU B 47 32.60 8.80 0.61
CA GLU B 47 31.80 9.98 0.88
C GLU B 47 30.76 9.72 1.95
N GLU B 48 30.73 10.57 2.96
CA GLU B 48 29.82 10.42 4.09
C GLU B 48 28.39 10.66 3.63
N ALA B 49 27.45 10.01 4.31
CA ALA B 49 26.03 10.17 4.02
C ALA B 49 25.19 9.85 5.24
N SER B 50 24.37 10.80 5.66
CA SER B 50 23.47 10.57 6.78
C SER B 50 22.14 10.02 6.26
N LEU B 51 21.81 8.79 6.65
CA LEU B 51 20.56 8.18 6.23
C LEU B 51 19.56 8.13 7.37
N MET B 52 18.29 8.31 7.03
CA MET B 52 17.21 8.13 8.01
C MET B 52 16.17 7.15 7.49
N VAL B 53 16.05 6.02 8.16
CA VAL B 53 15.19 4.94 7.71
C VAL B 53 13.84 4.97 8.43
N TYR B 54 12.77 5.17 7.68
CA TYR B 54 11.43 5.20 8.25
C TYR B 54 10.77 3.83 8.10
N ASP B 55 10.40 3.24 9.24
CA ASP B 55 9.69 1.99 9.24
C ASP B 55 8.19 2.28 9.15
N ILE B 56 7.80 2.98 8.10
CA ILE B 56 6.44 3.46 7.89
C ILE B 56 5.36 2.69 8.64
N TRP B 57 5.31 1.38 8.42
CA TRP B 57 4.25 0.56 9.02
C TRP B 57 4.38 0.40 10.53
N GLU B 58 5.37 1.06 11.11
CA GLU B 58 5.56 1.04 12.56
C GLU B 58 5.33 2.41 13.16
N MET B 72 7.70 12.53 0.01
CA MET B 72 7.79 12.08 1.38
C MET B 72 9.23 11.73 1.75
N GLY B 73 9.89 10.98 0.86
CA GLY B 73 11.26 10.56 1.06
C GLY B 73 12.14 10.77 -0.17
N ASP B 74 13.39 10.30 -0.07
CA ASP B 74 14.40 10.45 -1.11
C ASP B 74 14.58 9.14 -1.87
N ALA B 75 14.13 8.05 -1.24
CA ALA B 75 14.18 6.73 -1.87
C ALA B 75 13.20 5.77 -1.20
N TYR B 76 12.74 4.77 -1.95
CA TYR B 76 11.83 3.77 -1.40
C TYR B 76 12.44 2.39 -1.47
N VAL B 77 12.32 1.64 -0.38
CA VAL B 77 12.81 0.27 -0.36
C VAL B 77 11.66 -0.71 -0.17
N ILE B 78 11.40 -1.51 -1.19
CA ILE B 78 10.34 -2.49 -1.15
C ILE B 78 10.90 -3.86 -0.77
N VAL B 79 10.57 -4.29 0.45
CA VAL B 79 11.07 -5.56 0.96
C VAL B 79 10.06 -6.68 0.79
N TYR B 80 10.55 -7.85 0.41
CA TYR B 80 9.72 -9.05 0.35
C TYR B 80 10.53 -10.25 0.83
N SER B 81 9.83 -11.29 1.25
CA SER B 81 10.47 -12.52 1.71
C SER B 81 10.59 -13.51 0.56
N VAL B 82 11.78 -14.07 0.38
CA VAL B 82 12.01 -15.04 -0.69
C VAL B 82 11.30 -16.37 -0.42
N THR B 83 10.68 -16.46 0.76
CA THR B 83 9.98 -17.67 1.16
C THR B 83 8.49 -17.42 1.17
N ASP B 84 8.09 -16.34 0.52
CA ASP B 84 6.69 -15.93 0.45
C ASP B 84 6.45 -15.25 -0.88
N LYS B 85 5.90 -15.99 -1.85
CA LYS B 85 5.73 -15.44 -3.19
C LYS B 85 4.69 -14.31 -3.18
N GLY B 86 3.75 -14.37 -2.25
CA GLY B 86 2.70 -13.37 -2.16
C GLY B 86 3.22 -11.97 -1.90
N SER B 87 4.31 -11.88 -1.14
CA SER B 87 4.93 -10.59 -0.84
C SER B 87 5.70 -10.09 -2.05
N PHE B 88 6.18 -11.04 -2.86
CA PHE B 88 6.89 -10.73 -4.08
C PHE B 88 5.97 -10.04 -5.10
N GLU B 89 4.79 -10.60 -5.29
CA GLU B 89 3.82 -10.00 -6.21
C GLU B 89 3.32 -8.68 -5.65
N LYS B 90 3.10 -8.63 -4.35
CA LYS B 90 2.69 -7.40 -3.68
C LYS B 90 3.73 -6.30 -3.92
N ALA B 91 5.00 -6.68 -4.02
CA ALA B 91 6.06 -5.73 -4.29
C ALA B 91 5.94 -5.13 -5.69
N SER B 92 5.69 -5.98 -6.68
CA SER B 92 5.50 -5.53 -8.06
C SER B 92 4.39 -4.51 -8.15
N GLU B 93 3.29 -4.79 -7.46
CA GLU B 93 2.12 -3.92 -7.46
C GLU B 93 2.43 -2.58 -6.82
N LEU B 94 3.26 -2.61 -5.78
CA LEU B 94 3.67 -1.38 -5.10
C LEU B 94 4.60 -0.58 -6.00
N ARG B 95 5.48 -1.28 -6.72
CA ARG B 95 6.39 -0.64 -7.64
C ARG B 95 5.63 0.07 -8.76
N VAL B 96 4.70 -0.65 -9.36
CA VAL B 96 3.89 -0.12 -10.45
C VAL B 96 2.94 0.94 -9.93
N GLN B 97 2.43 0.74 -8.72
CA GLN B 97 1.49 1.67 -8.12
C GLN B 97 2.21 2.98 -7.82
N LEU B 98 3.48 2.85 -7.44
CA LEU B 98 4.30 4.00 -7.08
C LEU B 98 4.62 4.81 -8.32
N ARG B 99 4.79 4.11 -9.44
CA ARG B 99 5.07 4.73 -10.73
C ARG B 99 3.93 5.65 -11.19
N ARG B 100 2.70 5.21 -10.92
CA ARG B 100 1.51 5.95 -11.34
C ARG B 100 1.31 7.27 -10.58
N ALA B 101 2.40 7.80 -10.05
CA ALA B 101 2.36 9.08 -9.33
C ALA B 101 3.75 9.61 -9.05
N ASP B 106 12.23 9.30 -11.36
CA ASP B 106 12.36 10.36 -10.38
C ASP B 106 13.23 9.91 -9.19
N VAL B 107 12.62 9.17 -8.27
CA VAL B 107 13.31 8.68 -7.08
C VAL B 107 13.80 7.24 -7.28
N PRO B 108 14.93 6.88 -6.63
CA PRO B 108 15.41 5.50 -6.73
C PRO B 108 14.60 4.50 -5.90
N ILE B 109 14.29 3.36 -6.49
CA ILE B 109 13.56 2.31 -5.78
C ILE B 109 14.36 1.01 -5.78
N ILE B 110 14.53 0.42 -4.60
CA ILE B 110 15.29 -0.83 -4.47
C ILE B 110 14.39 -1.98 -4.05
N LEU B 111 14.42 -3.04 -4.85
CA LEU B 111 13.71 -4.27 -4.54
C LEU B 111 14.60 -5.18 -3.70
N VAL B 112 14.12 -5.56 -2.52
CA VAL B 112 14.91 -6.38 -1.61
C VAL B 112 14.20 -7.69 -1.30
N GLY B 113 14.88 -8.80 -1.60
CA GLY B 113 14.37 -10.12 -1.26
C GLY B 113 15.02 -10.62 0.01
N ASN B 114 14.33 -10.42 1.13
CA ASN B 114 14.87 -10.75 2.45
C ASN B 114 14.68 -12.23 2.83
N LYS B 115 15.38 -12.66 3.87
CA LYS B 115 15.32 -14.04 4.36
C LYS B 115 15.99 -15.01 3.40
N SER B 116 17.18 -14.66 2.94
CA SER B 116 17.91 -15.53 2.01
C SER B 116 18.54 -16.73 2.74
N ASP B 117 18.50 -16.72 4.07
CA ASP B 117 19.04 -17.81 4.87
C ASP B 117 18.15 -19.06 4.80
N LEU B 118 16.85 -18.85 4.62
CA LEU B 118 15.89 -19.94 4.58
C LEU B 118 15.87 -20.63 3.22
N VAL B 119 16.94 -21.34 2.90
CA VAL B 119 17.11 -21.89 1.54
C VAL B 119 16.22 -23.10 1.24
N ARG B 120 15.33 -23.45 2.16
CA ARG B 120 14.47 -24.61 1.96
C ARG B 120 13.04 -24.19 1.65
N SER B 121 12.58 -23.13 2.31
CA SER B 121 11.24 -22.60 2.09
C SER B 121 11.19 -21.50 1.02
N ARG B 122 12.30 -21.33 0.30
CA ARG B 122 12.39 -20.33 -0.74
C ARG B 122 11.40 -20.61 -1.86
N GLU B 123 10.61 -19.60 -2.21
CA GLU B 123 9.62 -19.73 -3.28
C GLU B 123 9.99 -18.86 -4.47
N VAL B 124 10.88 -17.90 -4.24
CA VAL B 124 11.32 -16.99 -5.29
C VAL B 124 12.83 -17.13 -5.53
N SER B 125 13.21 -17.34 -6.79
CA SER B 125 14.62 -17.50 -7.13
C SER B 125 15.31 -16.15 -7.20
N VAL B 126 16.64 -16.18 -7.19
CA VAL B 126 17.43 -14.97 -7.28
C VAL B 126 17.23 -14.28 -8.63
N ASP B 127 17.09 -15.10 -9.68
CA ASP B 127 16.91 -14.59 -11.03
C ASP B 127 15.54 -13.96 -11.22
N GLU B 128 14.52 -14.59 -10.65
CA GLU B 128 13.15 -14.11 -10.77
C GLU B 128 13.00 -12.71 -10.18
N GLY B 129 13.66 -12.49 -9.05
CA GLY B 129 13.63 -11.19 -8.40
C GLY B 129 14.43 -10.16 -9.18
N ARG B 130 15.57 -10.58 -9.72
CA ARG B 130 16.45 -9.69 -10.47
C ARG B 130 15.81 -9.35 -11.81
N ALA B 131 15.03 -10.28 -12.34
CA ALA B 131 14.29 -10.06 -13.57
C ALA B 131 13.25 -8.96 -13.36
N CYS B 132 12.31 -9.21 -12.44
CA CYS B 132 11.25 -8.24 -12.16
C CYS B 132 11.81 -6.88 -11.74
N ALA B 133 12.99 -6.89 -11.13
CA ALA B 133 13.63 -5.65 -10.73
C ALA B 133 13.98 -4.81 -11.96
N VAL B 134 14.70 -5.42 -12.89
CA VAL B 134 15.18 -4.71 -14.08
C VAL B 134 14.05 -4.23 -14.99
N VAL B 135 13.02 -5.06 -15.19
CA VAL B 135 11.90 -4.68 -16.06
C VAL B 135 11.04 -3.60 -15.42
N PHE B 136 10.97 -3.61 -14.09
CA PHE B 136 10.16 -2.63 -13.37
C PHE B 136 11.03 -1.49 -12.84
N ASP B 137 12.17 -1.26 -13.49
CA ASP B 137 13.07 -0.18 -13.11
C ASP B 137 13.33 -0.17 -11.60
N CYS B 138 13.96 -1.24 -11.12
CA CYS B 138 14.36 -1.37 -9.72
C CYS B 138 15.80 -1.86 -9.53
N LYS B 139 16.36 -1.52 -8.37
CA LYS B 139 17.68 -1.97 -7.95
C LYS B 139 17.46 -3.26 -7.18
N PHE B 140 18.09 -4.36 -7.59
CA PHE B 140 17.86 -5.64 -6.89
C PHE B 140 19.00 -6.07 -5.97
N ILE B 141 18.62 -6.67 -4.84
CA ILE B 141 19.58 -7.26 -3.92
C ILE B 141 18.85 -8.20 -2.97
N GLU B 142 19.46 -9.35 -2.68
CA GLU B 142 18.92 -10.25 -1.67
C GLU B 142 19.68 -10.08 -0.36
N THR B 143 18.93 -9.94 0.74
CA THR B 143 19.54 -9.75 2.05
C THR B 143 19.15 -10.84 3.02
N SER B 144 19.85 -10.91 4.14
CA SER B 144 19.48 -11.80 5.23
C SER B 144 19.64 -11.07 6.54
N ALA B 145 18.55 -10.51 7.05
CA ALA B 145 18.56 -9.85 8.35
C ALA B 145 19.04 -10.82 9.43
N ALA B 146 18.58 -12.06 9.34
CA ALA B 146 18.95 -13.07 10.32
C ALA B 146 20.46 -13.28 10.36
N LEU B 147 21.10 -13.14 9.20
CA LEU B 147 22.53 -13.37 9.08
C LEU B 147 23.33 -12.08 8.84
N HIS B 148 22.66 -10.93 8.93
CA HIS B 148 23.33 -9.65 8.71
C HIS B 148 24.06 -9.64 7.37
N HIS B 149 23.49 -10.34 6.38
CA HIS B 149 24.11 -10.42 5.06
C HIS B 149 23.48 -9.44 4.08
N ASN B 150 24.35 -8.69 3.39
CA ASN B 150 23.93 -7.70 2.40
C ASN B 150 23.05 -6.60 2.98
N VAL B 151 22.96 -6.52 4.30
CA VAL B 151 22.20 -5.46 4.94
C VAL B 151 22.91 -4.11 4.76
N GLN B 152 24.20 -4.09 5.07
CA GLN B 152 25.05 -2.94 4.82
C GLN B 152 24.98 -2.55 3.35
N ALA B 153 25.34 -3.50 2.49
CA ALA B 153 25.36 -3.31 1.05
C ALA B 153 24.08 -2.67 0.53
N LEU B 154 22.94 -3.07 1.11
CA LEU B 154 21.64 -2.54 0.72
C LEU B 154 21.57 -1.03 0.91
N PHE B 155 21.97 -0.57 2.09
CA PHE B 155 21.87 0.85 2.42
C PHE B 155 23.01 1.65 1.79
N GLU B 156 24.08 0.96 1.40
CA GLU B 156 25.16 1.60 0.66
C GLU B 156 24.73 1.81 -0.78
N GLY B 157 23.92 0.88 -1.29
CA GLY B 157 23.38 1.01 -2.63
C GLY B 157 22.33 2.10 -2.69
N VAL B 158 21.53 2.21 -1.62
CA VAL B 158 20.52 3.24 -1.53
C VAL B 158 21.16 4.62 -1.64
N VAL B 159 22.18 4.86 -0.82
CA VAL B 159 22.91 6.12 -0.85
C VAL B 159 23.55 6.33 -2.22
N ARG B 160 24.09 5.25 -2.76
CA ARG B 160 24.77 5.28 -4.06
C ARG B 160 23.77 5.50 -5.19
N GLN B 161 22.53 5.12 -4.95
CA GLN B 161 21.48 5.24 -5.96
C GLN B 161 20.84 6.61 -5.94
N ILE B 162 20.70 7.18 -4.74
CA ILE B 162 20.17 8.53 -4.60
C ILE B 162 21.13 9.54 -5.21
N ARG B 163 22.42 9.23 -5.19
CA ARG B 163 23.44 10.09 -5.79
C ARG B 163 23.40 10.06 -7.31
N LEU B 164 23.50 8.87 -7.89
CA LEU B 164 23.46 8.73 -9.35
C LEU B 164 22.29 9.51 -9.96
N ARG B 165 21.33 9.91 -9.12
CA ARG B 165 20.19 10.71 -9.52
C ARG B 165 20.16 12.00 -8.74
N ARG B 166 21.34 12.57 -8.53
CA ARG B 166 21.49 13.80 -7.75
C ARG B 166 20.24 14.48 -7.24
#